data_6NKZ
#
_entry.id   6NKZ
#
_cell.length_a   50.642
_cell.length_b   80.043
_cell.length_c   55.249
_cell.angle_alpha   90.000
_cell.angle_beta   107.920
_cell.angle_gamma   90.000
#
_symmetry.space_group_name_H-M   'P 1 21 1'
#
loop_
_entity.id
_entity.type
_entity.pdbx_description
1 polymer "DNA (5'-D(*CP*CP*GP*AP*AP*CP*AP*AP*GP*CP*AP*TP*CP*AP*GP*C)-3')"
2 polymer "DNA (5'-D(*GP*CP*TP*GP*AP*TP*GP*CP*TP*(2DT))-3')"
3 polymer "DNA (5'-D(P*TP*TP*CP*GP*G)-3')"
4 polymer 'DNA Polymerase Beta'
5 non-polymer 'SODIUM ION'
6 non-polymer 'MAGNESIUM ION'
7 non-polymer "2'-DEOXY-5'-O-(HYDROXY{[HYDROXY(PHOSPHONOMETHYL)PHOSPHORYL]OXY}PHOSPHORYL)GUANOSINE"
8 water water
#
loop_
_entity_poly.entity_id
_entity_poly.type
_entity_poly.pdbx_seq_one_letter_code
_entity_poly.pdbx_strand_id
1 'polydeoxyribonucleotide' (DC)(DC)(DG)(DA)(DA)(DC)(DA)(DA)(DG)(DC)(DA)(DT)(DC)(DA)(DG)(DC) T
2 'polydeoxyribonucleotide' (DG)(DC)(DT)(DG)(DA)(DT)(DG)(DC)(DT)(2DT) P
3 'polydeoxyribonucleotide' (DT)(DT)(DC)(DG)(DG) D
4 'polypeptide(L)'
;MSKRKAPQETLNGGITDMLTELANFEKNVSQAIHKYNAYRKAASVIAKYPHKIKSGAEAKKLPGVGTKIAEKIDEFLATG
KLRKLEKIRQDDTSSSINFLTRVSGIGPSAARKFVDEGIKTLEDLRKNEDKLNHHQRIGLKYFGDFEKRIPREEMLQMQD
IVLNEVKKVDSEYIATVCGSFRRGAESSGDMDVLLTHPSFTSESTKQPKLLHQVVEQLQKVHFITDTLSKGETKFMGVCQ
LPSKNDEKEYPHRRIDIRLIPKDQYYCGVLYFTGSDIFNKNMRAHALEMGFTINEYTIRPLGVTGVAGEPLPVDSEKDIF
DYIQWKYREPKDRSE
;
A
#
loop_
_chem_comp.id
_chem_comp.type
_chem_comp.name
_chem_comp.formula
2DT DNA linking 3'-DEOXYTHYMIDINE-5'-MONOPHOSPHATE 'C10 H15 N2 O7 P'
DA DNA linking 2'-DEOXYADENOSINE-5'-MONOPHOSPHATE 'C10 H14 N5 O6 P'
DC DNA linking 2'-DEOXYCYTIDINE-5'-MONOPHOSPHATE 'C9 H14 N3 O7 P'
DG DNA linking 2'-DEOXYGUANOSINE-5'-MONOPHOSPHATE 'C10 H14 N5 O7 P'
DT DNA linking THYMIDINE-5'-MONOPHOSPHATE 'C10 H15 N2 O8 P'
GGH non-polymer 2'-DEOXY-5'-O-(HYDROXY{[HYDROXY(PHOSPHONOMETHYL)PHOSPHORYL]OXY}PHOSPHORYL)GUANOSINE 'C11 H18 N5 O12 P3'
MG non-polymer 'MAGNESIUM ION' 'Mg 2'
NA non-polymer 'SODIUM ION' 'Na 1'
#
# COMPACT_ATOMS: atom_id res chain seq x y z
P 2DT B 10 0.95 -3.70 -4.05
OP1 2DT B 10 0.90 -4.99 -3.32
OP2 2DT B 10 -0.20 -2.78 -4.12
O5' 2DT B 10 2.17 -2.81 -3.52
N1 2DT B 10 3.93 0.87 -3.64
C6 2DT B 10 2.67 0.47 -4.05
C2 2DT B 10 4.37 2.15 -3.86
O2 2DT B 10 5.49 2.54 -3.52
N3 2DT B 10 3.49 2.96 -4.53
C4 2DT B 10 2.21 2.64 -4.96
O4 2DT B 10 1.49 3.45 -5.53
C5 2DT B 10 1.79 1.28 -4.68
C5M 2DT B 10 0.43 0.82 -5.11
C2' 2DT B 10 4.56 -0.30 -1.47
C5' 2DT B 10 3.45 -3.39 -3.29
C4' 2DT B 10 4.39 -2.38 -2.65
O4' 2DT B 10 4.72 -1.34 -3.61
C1' 2DT B 10 4.85 -0.09 -2.97
C3' 2DT B 10 3.82 -1.64 -1.44
N THR D 10 -16.05 3.11 13.97
CA THR D 10 -16.43 3.51 12.62
C THR D 10 -17.75 4.26 12.60
N LEU D 11 -17.69 5.54 12.97
CA LEU D 11 -18.89 6.36 13.08
C LEU D 11 -19.58 6.54 11.73
N ASN D 12 -18.79 6.63 10.67
CA ASN D 12 -19.30 6.98 9.35
C ASN D 12 -18.95 5.92 8.33
N GLY D 13 -19.01 4.65 8.75
CA GLY D 13 -18.60 3.55 7.89
C GLY D 13 -19.37 3.48 6.59
N GLY D 14 -20.67 3.79 6.63
CA GLY D 14 -21.45 3.73 5.41
C GLY D 14 -21.01 4.76 4.38
N ILE D 15 -20.70 5.97 4.84
CA ILE D 15 -20.22 7.00 3.93
C ILE D 15 -18.87 6.62 3.34
N THR D 16 -17.93 6.21 4.18
CA THR D 16 -16.58 5.96 3.66
C THR D 16 -16.54 4.71 2.76
N ASP D 17 -17.37 3.71 3.04
CA ASP D 17 -17.54 2.60 2.08
C ASP D 17 -18.01 3.11 0.72
N MET D 18 -19.03 3.97 0.70
CA MET D 18 -19.52 4.52 -0.57
C MET D 18 -18.42 5.25 -1.32
N LEU D 19 -17.69 6.10 -0.61
CA LEU D 19 -16.62 6.86 -1.24
C LEU D 19 -15.50 5.93 -1.76
N THR D 20 -15.16 4.91 -0.98
CA THR D 20 -14.15 3.97 -1.43
C THR D 20 -14.61 3.19 -2.65
N GLU D 21 -15.89 2.81 -2.70
CA GLU D 21 -16.41 2.16 -3.89
C GLU D 21 -16.40 3.09 -5.10
N LEU D 22 -16.70 4.37 -4.88
CA LEU D 22 -16.61 5.34 -5.97
C LEU D 22 -15.18 5.50 -6.43
N ALA D 23 -14.24 5.61 -5.48
CA ALA D 23 -12.82 5.70 -5.82
C ALA D 23 -12.40 4.54 -6.70
N ASN D 24 -12.75 3.32 -6.29
CA ASN D 24 -12.35 2.16 -7.05
C ASN D 24 -12.95 2.16 -8.44
N PHE D 25 -14.20 2.63 -8.57
CA PHE D 25 -14.81 2.74 -9.89
C PHE D 25 -14.02 3.70 -10.78
N GLU D 26 -13.64 4.86 -10.24
CA GLU D 26 -12.94 5.82 -11.10
C GLU D 26 -11.55 5.30 -11.50
N LYS D 27 -10.85 4.63 -10.58
CA LYS D 27 -9.55 4.08 -10.91
C LYS D 27 -9.67 2.95 -11.91
N ASN D 28 -10.47 1.94 -11.57
CA ASN D 28 -10.48 0.72 -12.36
C ASN D 28 -11.20 0.88 -13.69
N VAL D 29 -12.32 1.61 -13.70
CA VAL D 29 -13.22 1.60 -14.86
C VAL D 29 -13.00 2.84 -15.71
N SER D 30 -13.15 4.01 -15.09
CA SER D 30 -13.02 5.30 -15.77
C SER D 30 -11.57 5.67 -16.05
N GLN D 31 -10.63 5.04 -15.35
CA GLN D 31 -9.22 5.39 -15.46
C GLN D 31 -9.04 6.90 -15.26
N ALA D 32 -9.63 7.41 -14.18
CA ALA D 32 -9.59 8.83 -13.80
C ALA D 32 -8.86 8.95 -12.46
N ILE D 33 -7.53 9.05 -12.52
CA ILE D 33 -6.74 8.92 -11.30
C ILE D 33 -7.02 10.06 -10.33
N HIS D 34 -7.41 11.22 -10.83
CA HIS D 34 -7.61 12.35 -9.93
C HIS D 34 -8.94 12.22 -9.20
N LYS D 35 -9.98 11.76 -9.89
CA LYS D 35 -11.22 11.45 -9.19
C LYS D 35 -10.98 10.37 -8.14
N TYR D 36 -10.17 9.38 -8.48
CA TYR D 36 -9.89 8.30 -7.52
C TYR D 36 -9.22 8.87 -6.27
N ASN D 37 -8.24 9.75 -6.45
CA ASN D 37 -7.56 10.36 -5.30
C ASN D 37 -8.52 11.24 -4.50
N ALA D 38 -9.43 11.93 -5.19
CA ALA D 38 -10.36 12.80 -4.48
C ALA D 38 -11.31 12.01 -3.60
N TYR D 39 -11.84 10.89 -4.10
CA TYR D 39 -12.72 10.07 -3.27
C TYR D 39 -11.95 9.43 -2.11
N ARG D 40 -10.75 8.93 -2.37
CA ARG D 40 -9.96 8.32 -1.30
C ARG D 40 -9.62 9.33 -0.22
N LYS D 41 -9.27 10.56 -0.63
CA LYS D 41 -8.96 11.62 0.31
C LYS D 41 -10.18 11.99 1.15
N ALA D 42 -11.33 12.14 0.50
CA ALA D 42 -12.57 12.41 1.22
C ALA D 42 -12.90 11.26 2.17
N ALA D 43 -12.70 10.03 1.71
CA ALA D 43 -12.96 8.90 2.61
C ALA D 43 -12.01 8.94 3.79
N SER D 44 -10.77 9.36 3.56
CA SER D 44 -9.79 9.42 4.65
C SER D 44 -10.15 10.51 5.66
N VAL D 45 -10.43 11.72 5.18
CA VAL D 45 -10.71 12.81 6.13
C VAL D 45 -11.97 12.51 6.92
N ILE D 46 -12.93 11.82 6.31
CA ILE D 46 -14.17 11.51 7.00
C ILE D 46 -13.97 10.40 8.00
N ALA D 47 -13.10 9.43 7.70
CA ALA D 47 -12.89 8.31 8.63
C ALA D 47 -12.33 8.79 9.96
N LYS D 48 -11.55 9.88 9.98
CA LYS D 48 -11.00 10.34 11.24
C LYS D 48 -11.86 11.43 11.90
N TYR D 49 -12.89 11.92 11.22
CA TYR D 49 -13.84 12.86 11.81
C TYR D 49 -14.59 12.20 12.98
N PRO D 50 -14.53 12.77 14.19
CA PRO D 50 -15.02 12.04 15.36
C PRO D 50 -16.48 12.30 15.72
N HIS D 51 -17.31 12.65 14.74
CA HIS D 51 -18.74 12.79 14.93
C HIS D 51 -19.46 12.01 13.85
N LYS D 52 -20.67 11.52 14.17
CA LYS D 52 -21.53 10.93 13.15
C LYS D 52 -22.07 12.04 12.26
N ILE D 53 -21.70 12.00 10.97
CA ILE D 53 -22.06 13.06 10.05
C ILE D 53 -23.57 13.05 9.83
N LYS D 54 -24.19 14.24 9.86
CA LYS D 54 -25.63 14.38 9.72
C LYS D 54 -26.07 15.10 8.46
N SER D 55 -25.15 15.65 7.67
CA SER D 55 -25.54 16.29 6.42
C SER D 55 -24.30 16.47 5.54
N GLY D 56 -24.56 16.55 4.23
CA GLY D 56 -23.49 16.86 3.30
C GLY D 56 -22.87 18.22 3.58
N ALA D 57 -23.65 19.16 4.12
CA ALA D 57 -23.12 20.48 4.46
C ALA D 57 -22.07 20.37 5.56
N GLU D 58 -22.39 19.65 6.64
CA GLU D 58 -21.41 19.40 7.69
C GLU D 58 -20.16 18.72 7.13
N ALA D 59 -20.33 17.76 6.22
CA ALA D 59 -19.18 17.10 5.66
C ALA D 59 -18.37 18.02 4.77
N LYS D 60 -19.03 18.93 4.04
CA LYS D 60 -18.32 19.84 3.16
C LYS D 60 -17.44 20.82 3.92
N LYS D 61 -17.61 20.93 5.24
CA LYS D 61 -16.70 21.74 6.02
C LYS D 61 -15.32 21.09 6.13
N LEU D 62 -15.20 19.79 5.81
CA LEU D 62 -13.91 19.10 5.90
C LEU D 62 -13.13 19.31 4.61
N PRO D 63 -11.80 19.47 4.68
CA PRO D 63 -11.02 19.66 3.44
C PRO D 63 -10.97 18.37 2.64
N GLY D 64 -11.21 18.49 1.33
CA GLY D 64 -11.27 17.34 0.46
C GLY D 64 -12.67 16.87 0.11
N VAL D 65 -13.68 17.32 0.87
CA VAL D 65 -15.08 17.14 0.52
C VAL D 65 -15.57 18.42 -0.15
N GLY D 66 -15.95 18.33 -1.42
CA GLY D 66 -16.46 19.46 -2.18
C GLY D 66 -17.96 19.35 -2.39
N THR D 67 -18.46 20.14 -3.35
CA THR D 67 -19.89 20.12 -3.65
C THR D 67 -20.37 18.73 -4.05
N LYS D 68 -19.68 18.09 -5.00
CA LYS D 68 -20.21 16.86 -5.59
C LYS D 68 -20.25 15.74 -4.56
N ILE D 69 -19.21 15.63 -3.73
CA ILE D 69 -19.24 14.62 -2.68
C ILE D 69 -20.28 14.96 -1.62
N ALA D 70 -20.46 16.25 -1.34
CA ALA D 70 -21.47 16.65 -0.36
C ALA D 70 -22.87 16.22 -0.82
N GLU D 71 -23.19 16.38 -2.10
CA GLU D 71 -24.49 15.95 -2.60
C GLU D 71 -24.67 14.44 -2.47
N LYS D 72 -23.59 13.68 -2.71
CA LYS D 72 -23.70 12.24 -2.61
C LYS D 72 -23.92 11.79 -1.18
N ILE D 73 -23.30 12.51 -0.23
CA ILE D 73 -23.53 12.22 1.17
C ILE D 73 -24.96 12.53 1.57
N ASP D 74 -25.54 13.59 1.00
CA ASP D 74 -26.96 13.88 1.28
C ASP D 74 -27.85 12.75 0.75
N GLU D 75 -27.60 12.29 -0.48
CA GLU D 75 -28.39 11.18 -1.00
C GLU D 75 -28.20 9.92 -0.15
N PHE D 76 -26.96 9.62 0.23
CA PHE D 76 -26.74 8.44 1.05
C PHE D 76 -27.47 8.53 2.39
N LEU D 77 -27.37 9.69 3.06
CA LEU D 77 -27.98 9.83 4.36
C LEU D 77 -29.50 9.75 4.29
N ALA D 78 -30.09 10.22 3.18
CA ALA D 78 -31.53 10.19 3.03
C ALA D 78 -32.04 8.77 2.78
N THR D 79 -31.38 8.03 1.89
CA THR D 79 -31.90 6.78 1.38
C THR D 79 -31.13 5.54 1.82
N GLY D 80 -29.93 5.70 2.36
CA GLY D 80 -29.07 4.56 2.61
C GLY D 80 -28.37 4.01 1.38
N LYS D 81 -28.57 4.60 0.21
CA LYS D 81 -27.99 4.09 -1.02
C LYS D 81 -27.45 5.24 -1.85
N LEU D 82 -26.75 4.89 -2.91
CA LEU D 82 -26.40 5.86 -3.94
C LEU D 82 -26.82 5.30 -5.29
N ARG D 83 -27.69 6.04 -6.00
CA ARG D 83 -28.18 5.56 -7.29
C ARG D 83 -27.05 5.32 -8.27
N LYS D 84 -26.04 6.20 -8.26
CA LYS D 84 -24.91 6.04 -9.18
C LYS D 84 -24.21 4.70 -8.98
N LEU D 85 -23.98 4.32 -7.73
CA LEU D 85 -23.32 3.05 -7.48
C LEU D 85 -24.23 1.88 -7.83
N GLU D 86 -25.51 1.97 -7.50
CA GLU D 86 -26.41 0.84 -7.79
C GLU D 86 -26.48 0.58 -9.28
N LYS D 87 -26.46 1.63 -10.10
CA LYS D 87 -26.38 1.44 -11.55
C LYS D 87 -25.01 0.87 -11.96
N ILE D 88 -23.93 1.37 -11.37
CA ILE D 88 -22.60 0.82 -11.67
C ILE D 88 -22.57 -0.68 -11.38
N ARG D 89 -23.15 -1.09 -10.25
CA ARG D 89 -23.14 -2.51 -9.88
C ARG D 89 -23.96 -3.38 -10.82
N GLN D 90 -24.95 -2.82 -11.51
CA GLN D 90 -25.74 -3.54 -12.50
C GLN D 90 -25.02 -3.70 -13.83
N ASP D 91 -24.08 -2.81 -14.14
CA ASP D 91 -23.38 -2.87 -15.41
C ASP D 91 -22.38 -4.02 -15.41
N ASP D 92 -22.49 -4.88 -16.43
CA ASP D 92 -21.65 -6.08 -16.53
C ASP D 92 -20.19 -5.71 -16.79
N THR D 93 -19.94 -4.82 -17.74
CA THR D 93 -18.56 -4.49 -18.06
C THR D 93 -17.86 -3.85 -16.86
N SER D 94 -18.53 -2.90 -16.21
CA SER D 94 -17.94 -2.26 -15.04
C SER D 94 -17.69 -3.27 -13.92
N SER D 95 -18.68 -4.11 -13.64
CA SER D 95 -18.52 -5.11 -12.60
C SER D 95 -17.38 -6.06 -12.92
N SER D 96 -17.26 -6.48 -14.18
CA SER D 96 -16.22 -7.42 -14.56
C SER D 96 -14.83 -6.78 -14.48
N ILE D 97 -14.69 -5.55 -14.97
CA ILE D 97 -13.40 -4.86 -14.88
C ILE D 97 -13.01 -4.66 -13.42
N ASN D 98 -13.95 -4.19 -12.60
CA ASN D 98 -13.69 -4.03 -11.17
C ASN D 98 -13.22 -5.33 -10.57
N PHE D 99 -13.87 -6.43 -10.91
CA PHE D 99 -13.47 -7.71 -10.34
C PHE D 99 -12.06 -8.09 -10.77
N LEU D 100 -11.77 -8.03 -12.08
CA LEU D 100 -10.49 -8.52 -12.57
C LEU D 100 -9.31 -7.77 -11.94
N THR D 101 -9.47 -6.48 -11.65
CA THR D 101 -8.40 -5.72 -11.00
C THR D 101 -8.11 -6.20 -9.59
N ARG D 102 -8.98 -7.03 -9.01
CA ARG D 102 -8.65 -7.58 -7.71
C ARG D 102 -7.53 -8.60 -7.79
N VAL D 103 -7.17 -9.07 -8.98
CA VAL D 103 -6.02 -9.96 -9.12
C VAL D 103 -4.75 -9.11 -9.14
N SER D 104 -3.77 -9.50 -8.32
CA SER D 104 -2.50 -8.78 -8.29
C SER D 104 -1.82 -8.89 -9.65
N GLY D 105 -1.45 -7.75 -10.22
CA GLY D 105 -0.84 -7.69 -11.52
C GLY D 105 -1.80 -7.33 -12.63
N ILE D 106 -3.10 -7.44 -12.39
CA ILE D 106 -4.11 -6.97 -13.33
C ILE D 106 -4.51 -5.58 -12.90
N GLY D 107 -4.31 -4.61 -13.78
CA GLY D 107 -4.74 -3.26 -13.53
C GLY D 107 -5.89 -2.89 -14.43
N PRO D 108 -6.26 -1.61 -14.42
CA PRO D 108 -7.39 -1.15 -15.24
C PRO D 108 -7.22 -1.45 -16.72
N SER D 109 -6.01 -1.27 -17.26
CA SER D 109 -5.79 -1.53 -18.68
C SER D 109 -5.95 -3.01 -18.99
N ALA D 110 -5.22 -3.86 -18.28
CA ALA D 110 -5.31 -5.29 -18.56
C ALA D 110 -6.71 -5.82 -18.28
N ALA D 111 -7.40 -5.27 -17.28
CA ALA D 111 -8.73 -5.77 -16.98
C ALA D 111 -9.69 -5.47 -18.13
N ARG D 112 -9.60 -4.27 -18.68
CA ARG D 112 -10.44 -3.91 -19.82
C ARG D 112 -10.04 -4.69 -21.07
N LYS D 113 -8.75 -4.97 -21.24
CA LYS D 113 -8.32 -5.82 -22.36
C LYS D 113 -8.87 -7.24 -22.22
N PHE D 114 -8.83 -7.81 -20.99
CA PHE D 114 -9.34 -9.16 -20.80
C PHE D 114 -10.84 -9.24 -21.06
N VAL D 115 -11.60 -8.29 -20.50
CA VAL D 115 -13.05 -8.27 -20.69
C VAL D 115 -13.39 -8.12 -22.18
N ASP D 116 -12.56 -7.38 -22.93
CA ASP D 116 -12.77 -7.27 -24.38
C ASP D 116 -12.75 -8.61 -25.08
N GLU D 117 -11.81 -9.47 -24.70
CA GLU D 117 -11.72 -10.81 -25.26
C GLU D 117 -12.59 -11.82 -24.53
N GLY D 118 -13.57 -11.36 -23.76
CA GLY D 118 -14.48 -12.27 -23.10
C GLY D 118 -13.90 -13.01 -21.90
N ILE D 119 -12.78 -12.55 -21.34
CA ILE D 119 -12.27 -13.07 -20.08
C ILE D 119 -12.84 -12.17 -18.99
N LYS D 120 -13.79 -12.69 -18.22
CA LYS D 120 -14.46 -11.79 -17.28
C LYS D 120 -14.85 -12.44 -15.97
N THR D 121 -14.47 -13.69 -15.72
CA THR D 121 -14.72 -14.33 -14.44
C THR D 121 -13.43 -15.00 -13.97
N LEU D 122 -13.43 -15.38 -12.70
CA LEU D 122 -12.32 -16.16 -12.15
C LEU D 122 -12.09 -17.43 -12.96
N GLU D 123 -13.17 -18.14 -13.29
CA GLU D 123 -13.05 -19.35 -14.10
C GLU D 123 -12.50 -19.02 -15.49
N ASP D 124 -12.93 -17.90 -16.08
CA ASP D 124 -12.32 -17.43 -17.33
C ASP D 124 -10.81 -17.25 -17.17
N LEU D 125 -10.37 -16.65 -16.06
CA LEU D 125 -8.94 -16.46 -15.85
C LEU D 125 -8.20 -17.78 -15.75
N ARG D 126 -8.78 -18.73 -15.01
CA ARG D 126 -8.08 -19.98 -14.73
C ARG D 126 -7.88 -20.82 -15.98
N LYS D 127 -8.78 -20.70 -16.96
CA LYS D 127 -8.61 -21.48 -18.19
C LYS D 127 -7.73 -20.76 -19.20
N ASN D 128 -7.36 -19.51 -18.94
CA ASN D 128 -6.54 -18.72 -19.84
C ASN D 128 -5.23 -18.30 -19.18
N GLU D 129 -4.69 -19.16 -18.32
CA GLU D 129 -3.41 -18.88 -17.68
C GLU D 129 -2.34 -18.46 -18.68
N ASP D 130 -2.39 -19.00 -19.89
CA ASP D 130 -1.36 -18.70 -20.87
C ASP D 130 -1.40 -17.25 -21.32
N LYS D 131 -2.49 -16.54 -21.09
CA LYS D 131 -2.60 -15.13 -21.45
C LYS D 131 -2.17 -14.18 -20.32
N LEU D 132 -1.69 -14.72 -19.20
CA LEU D 132 -1.23 -13.93 -18.06
C LEU D 132 0.28 -13.83 -18.06
N ASN D 133 0.79 -12.69 -17.60
CA ASN D 133 2.21 -12.63 -17.32
C ASN D 133 2.49 -13.29 -15.97
N HIS D 134 3.77 -13.35 -15.58
CA HIS D 134 4.16 -14.11 -14.39
C HIS D 134 3.47 -13.59 -13.14
N HIS D 135 3.55 -12.28 -12.91
CA HIS D 135 2.90 -11.64 -11.76
C HIS D 135 1.41 -11.96 -11.71
N GLN D 136 0.73 -11.80 -12.83
CA GLN D 136 -0.72 -12.06 -12.86
C GLN D 136 -1.03 -13.52 -12.54
N ARG D 137 -0.20 -14.44 -13.02
CA ARG D 137 -0.43 -15.86 -12.76
C ARG D 137 -0.30 -16.18 -11.27
N ILE D 138 0.67 -15.58 -10.59
CA ILE D 138 0.78 -15.81 -9.16
C ILE D 138 -0.38 -15.14 -8.42
N GLY D 139 -0.81 -13.96 -8.87
CA GLY D 139 -1.97 -13.32 -8.25
C GLY D 139 -3.24 -14.13 -8.40
N LEU D 140 -3.43 -14.76 -9.56
CA LEU D 140 -4.54 -15.69 -9.74
C LEU D 140 -4.39 -16.91 -8.83
N LYS D 141 -3.19 -17.48 -8.78
CA LYS D 141 -2.94 -18.68 -7.97
C LYS D 141 -3.37 -18.46 -6.53
N TYR D 142 -3.05 -17.30 -5.96
CA TYR D 142 -3.29 -17.03 -4.56
C TYR D 142 -4.43 -16.02 -4.37
N PHE D 143 -5.33 -15.91 -5.36
CA PHE D 143 -6.38 -14.89 -5.32
C PHE D 143 -7.13 -14.91 -4.00
N GLY D 144 -7.57 -16.09 -3.57
CA GLY D 144 -8.33 -16.17 -2.34
C GLY D 144 -7.48 -15.78 -1.14
N ASP D 145 -6.25 -16.28 -1.07
CA ASP D 145 -5.41 -16.00 0.09
C ASP D 145 -5.12 -14.51 0.20
N PHE D 146 -4.85 -13.85 -0.92
CA PHE D 146 -4.43 -12.46 -0.87
C PHE D 146 -5.54 -11.52 -0.44
N GLU D 147 -6.79 -11.98 -0.38
CA GLU D 147 -7.82 -11.11 0.13
C GLU D 147 -8.05 -11.27 1.62
N LYS D 148 -7.39 -12.24 2.26
CA LYS D 148 -7.49 -12.38 3.70
C LYS D 148 -6.51 -11.45 4.40
N ARG D 149 -6.91 -10.93 5.55
CA ARG D 149 -6.00 -10.13 6.35
C ARG D 149 -5.17 -11.00 7.29
N ILE D 150 -4.09 -10.42 7.82
CA ILE D 150 -3.15 -11.15 8.65
C ILE D 150 -3.34 -10.69 10.08
N PRO D 151 -3.74 -11.57 11.00
CA PRO D 151 -3.78 -11.18 12.41
C PRO D 151 -2.40 -10.79 12.86
N ARG D 152 -2.33 -9.76 13.71
CA ARG D 152 -1.04 -9.29 14.18
C ARG D 152 -0.22 -10.40 14.83
N GLU D 153 -0.90 -11.39 15.43
CA GLU D 153 -0.19 -12.51 16.04
C GLU D 153 0.58 -13.30 14.99
N GLU D 154 0.01 -13.44 13.79
CA GLU D 154 0.78 -14.05 12.69
C GLU D 154 1.87 -13.11 12.18
N MET D 155 1.58 -11.80 12.15
CA MET D 155 2.63 -10.84 11.77
C MET D 155 3.83 -10.99 12.70
N LEU D 156 3.57 -11.18 13.99
CA LEU D 156 4.65 -11.34 14.96
C LEU D 156 5.47 -12.61 14.66
N GLN D 157 4.81 -13.71 14.31
CA GLN D 157 5.56 -14.92 13.97
C GLN D 157 6.39 -14.71 12.71
N MET D 158 5.82 -14.05 11.71
CA MET D 158 6.55 -13.78 10.47
C MET D 158 7.74 -12.86 10.72
N GLN D 159 7.52 -11.78 11.49
CA GLN D 159 8.61 -10.90 11.89
C GLN D 159 9.77 -11.69 12.47
N ASP D 160 9.46 -12.60 13.40
CA ASP D 160 10.49 -13.33 14.10
C ASP D 160 11.28 -14.20 13.13
N ILE D 161 10.58 -14.81 12.17
CA ILE D 161 11.23 -15.60 11.13
C ILE D 161 12.14 -14.70 10.28
N VAL D 162 11.62 -13.56 9.83
CA VAL D 162 12.39 -12.75 8.89
C VAL D 162 13.62 -12.19 9.58
N LEU D 163 13.45 -11.65 10.79
CA LEU D 163 14.56 -11.01 11.47
C LEU D 163 15.65 -12.03 11.80
N ASN D 164 15.26 -13.25 12.16
CA ASN D 164 16.26 -14.25 12.52
C ASN D 164 16.95 -14.82 11.28
N GLU D 165 16.21 -15.00 10.18
CA GLU D 165 16.87 -15.53 8.99
C GLU D 165 17.84 -14.51 8.41
N VAL D 166 17.43 -13.24 8.41
CA VAL D 166 18.33 -12.18 7.97
C VAL D 166 19.60 -12.18 8.80
N LYS D 167 19.47 -12.34 10.12
CA LYS D 167 20.64 -12.35 10.98
C LYS D 167 21.58 -13.51 10.67
N LYS D 168 21.05 -14.65 10.18
CA LYS D 168 21.93 -15.78 9.85
C LYS D 168 22.70 -15.53 8.57
N VAL D 169 22.17 -14.70 7.68
CA VAL D 169 22.91 -14.35 6.47
C VAL D 169 24.09 -13.45 6.81
N ASP D 170 23.83 -12.41 7.58
CA ASP D 170 24.88 -11.49 8.00
C ASP D 170 24.34 -10.71 9.18
N SER D 171 25.06 -10.76 10.31
CA SER D 171 24.57 -10.11 11.52
C SER D 171 24.50 -8.60 11.39
N GLU D 172 25.02 -8.02 10.31
CA GLU D 172 24.96 -6.57 10.12
C GLU D 172 23.75 -6.10 9.32
N TYR D 173 22.98 -7.00 8.71
CA TYR D 173 21.67 -6.61 8.18
C TYR D 173 20.79 -6.11 9.31
N ILE D 174 19.95 -5.13 9.03
CA ILE D 174 18.85 -4.79 9.94
C ILE D 174 17.56 -4.82 9.15
N ALA D 175 16.62 -5.66 9.57
CA ALA D 175 15.31 -5.76 8.96
C ALA D 175 14.30 -5.12 9.89
N THR D 176 13.47 -4.23 9.35
CA THR D 176 12.42 -3.56 10.11
C THR D 176 11.10 -3.79 9.41
N VAL D 177 10.10 -4.27 10.15
CA VAL D 177 8.77 -4.48 9.57
C VAL D 177 8.00 -3.16 9.64
N CYS D 178 7.62 -2.65 8.47
CA CYS D 178 6.95 -1.35 8.42
C CYS D 178 5.47 -1.51 8.08
N GLY D 179 4.94 -0.66 7.20
CA GLY D 179 3.54 -0.74 6.85
C GLY D 179 2.61 -0.60 8.07
N SER D 180 1.39 -1.11 7.88
CA SER D 180 0.38 -1.06 8.94
C SER D 180 0.87 -1.75 10.22
N PHE D 181 1.74 -2.74 10.11
CA PHE D 181 2.26 -3.39 11.30
C PHE D 181 2.98 -2.39 12.19
N ARG D 182 3.85 -1.57 11.61
CA ARG D 182 4.58 -0.61 12.42
C ARG D 182 3.65 0.47 12.96
N ARG D 183 2.51 0.71 12.30
CA ARG D 183 1.49 1.62 12.80
C ARG D 183 0.62 1.01 13.89
N GLY D 184 0.93 -0.21 14.33
CA GLY D 184 0.19 -0.80 15.43
C GLY D 184 -1.11 -1.47 15.05
N ALA D 185 -1.33 -1.75 13.77
CA ALA D 185 -2.59 -2.35 13.35
C ALA D 185 -2.76 -3.75 13.93
N GLU D 186 -4.01 -4.08 14.26
CA GLU D 186 -4.33 -5.41 14.76
C GLU D 186 -4.40 -6.44 13.65
N SER D 187 -4.51 -5.99 12.40
CA SER D 187 -4.38 -6.89 11.26
C SER D 187 -3.73 -6.12 10.12
N SER D 188 -3.07 -6.84 9.22
CA SER D 188 -2.36 -6.21 8.10
C SER D 188 -2.74 -6.90 6.80
N GLY D 189 -2.67 -6.15 5.70
CA GLY D 189 -2.92 -6.74 4.40
C GLY D 189 -1.77 -7.57 3.88
N ASP D 190 -0.55 -7.28 4.32
CA ASP D 190 0.64 -8.00 3.88
C ASP D 190 1.76 -7.70 4.89
N MET D 191 2.98 -8.15 4.58
CA MET D 191 4.13 -7.80 5.39
C MET D 191 5.09 -6.96 4.58
N ASP D 192 5.49 -5.82 5.16
CA ASP D 192 6.43 -4.89 4.56
C ASP D 192 7.73 -4.86 5.36
N VAL D 193 8.84 -5.21 4.72
CA VAL D 193 10.14 -5.32 5.39
C VAL D 193 11.09 -4.29 4.79
N LEU D 194 11.56 -3.37 5.62
CA LEU D 194 12.68 -2.53 5.23
C LEU D 194 13.98 -3.20 5.62
N LEU D 195 14.96 -3.16 4.72
CA LEU D 195 16.23 -3.84 4.94
C LEU D 195 17.37 -2.86 4.75
N THR D 196 18.33 -2.84 5.68
CA THR D 196 19.59 -2.14 5.48
C THR D 196 20.77 -3.08 5.71
N HIS D 197 21.92 -2.67 5.13
CA HIS D 197 23.21 -3.29 5.33
C HIS D 197 24.24 -2.18 5.23
N PRO D 198 25.23 -2.13 6.13
CA PRO D 198 26.23 -1.05 6.03
C PRO D 198 27.05 -1.08 4.75
N SER D 199 27.08 -2.18 4.00
CA SER D 199 27.79 -2.17 2.72
C SER D 199 27.07 -1.38 1.63
N PHE D 200 25.82 -0.96 1.87
CA PHE D 200 25.02 -0.29 0.85
C PHE D 200 24.60 1.06 1.41
N THR D 201 25.27 2.11 0.95
CA THR D 201 24.97 3.50 1.30
C THR D 201 24.73 4.30 0.04
N SER D 202 24.33 5.56 0.22
CA SER D 202 24.19 6.47 -0.92
C SER D 202 25.52 6.78 -1.58
N GLU D 203 26.63 6.51 -0.90
CA GLU D 203 27.94 6.81 -1.44
C GLU D 203 28.57 5.61 -2.13
N SER D 204 28.21 4.39 -1.77
CA SER D 204 28.77 3.27 -2.52
C SER D 204 27.97 2.01 -2.25
N THR D 205 28.05 1.08 -3.20
CA THR D 205 27.60 -0.28 -3.01
C THR D 205 28.83 -1.16 -2.99
N LYS D 206 29.19 -1.66 -1.82
CA LYS D 206 30.43 -2.39 -1.58
C LYS D 206 30.26 -3.90 -1.65
N GLN D 207 29.03 -4.39 -1.81
CA GLN D 207 28.76 -5.81 -1.94
C GLN D 207 27.65 -5.97 -2.97
N PRO D 208 27.78 -6.91 -3.89
CA PRO D 208 26.65 -7.26 -4.76
C PRO D 208 25.70 -8.21 -4.04
N LYS D 209 24.50 -8.34 -4.62
CA LYS D 209 23.54 -9.37 -4.25
C LYS D 209 22.99 -9.23 -2.83
N LEU D 210 23.04 -8.02 -2.25
CA LEU D 210 22.61 -7.83 -0.87
C LEU D 210 21.16 -8.25 -0.66
N LEU D 211 20.26 -7.84 -1.56
CA LEU D 211 18.86 -8.26 -1.46
C LEU D 211 18.71 -9.73 -1.84
N HIS D 212 19.36 -10.14 -2.92
CA HIS D 212 19.30 -11.52 -3.38
C HIS D 212 19.59 -12.51 -2.26
N GLN D 213 20.68 -12.29 -1.51
CA GLN D 213 21.07 -13.22 -0.46
C GLN D 213 19.95 -13.40 0.56
N VAL D 214 19.28 -12.31 0.92
CA VAL D 214 18.17 -12.42 1.86
C VAL D 214 17.02 -13.20 1.24
N VAL D 215 16.67 -12.87 -0.01
CA VAL D 215 15.57 -13.59 -0.67
C VAL D 215 15.88 -15.09 -0.73
N GLU D 216 17.06 -15.45 -1.21
CA GLU D 216 17.37 -16.87 -1.38
C GLU D 216 17.41 -17.61 -0.05
N GLN D 217 17.80 -16.93 1.04
CA GLN D 217 17.79 -17.57 2.35
C GLN D 217 16.36 -17.79 2.85
N LEU D 218 15.47 -16.81 2.63
CA LEU D 218 14.06 -17.00 2.99
C LEU D 218 13.40 -18.03 2.11
N GLN D 219 13.86 -18.19 0.87
CA GLN D 219 13.37 -19.26 0.02
C GLN D 219 13.86 -20.62 0.49
N LYS D 220 15.14 -20.71 0.87
CA LYS D 220 15.70 -21.97 1.32
C LYS D 220 14.98 -22.53 2.55
N VAL D 221 14.53 -21.66 3.46
CA VAL D 221 13.84 -22.14 4.65
C VAL D 221 12.35 -22.24 4.37
N HIS D 222 11.98 -22.14 3.09
CA HIS D 222 10.60 -22.30 2.63
C HIS D 222 9.66 -21.24 3.23
N PHE D 223 10.19 -20.04 3.52
CA PHE D 223 9.29 -18.96 3.92
C PHE D 223 8.78 -18.21 2.70
N ILE D 224 9.67 -17.78 1.81
CA ILE D 224 9.28 -17.22 0.53
C ILE D 224 8.96 -18.36 -0.42
N THR D 225 7.75 -18.35 -0.99
CA THR D 225 7.27 -19.40 -1.87
C THR D 225 7.22 -19.00 -3.33
N ASP D 226 7.06 -17.72 -3.63
CA ASP D 226 6.90 -17.24 -5.01
C ASP D 226 7.45 -15.84 -5.11
N THR D 227 7.78 -15.45 -6.34
CA THR D 227 8.31 -14.12 -6.67
C THR D 227 7.40 -13.42 -7.66
N LEU D 228 6.98 -12.20 -7.35
CA LEU D 228 6.18 -11.41 -8.28
C LEU D 228 7.06 -10.50 -9.10
N SER D 229 8.03 -9.86 -8.46
CA SER D 229 9.03 -9.05 -9.13
C SER D 229 10.21 -8.92 -8.18
N LYS D 230 11.38 -8.65 -8.75
CA LYS D 230 12.62 -8.69 -7.97
C LYS D 230 13.69 -7.92 -8.73
N GLY D 231 14.30 -6.95 -8.06
CA GLY D 231 15.46 -6.25 -8.58
C GLY D 231 16.52 -6.07 -7.50
N GLU D 232 17.47 -5.17 -7.71
CA GLU D 232 18.54 -5.01 -6.72
C GLU D 232 18.04 -4.39 -5.41
N THR D 233 16.96 -3.62 -5.42
CA THR D 233 16.50 -3.00 -4.19
C THR D 233 15.07 -3.30 -3.79
N LYS D 234 14.24 -3.91 -4.65
CA LYS D 234 12.84 -4.15 -4.31
C LYS D 234 12.44 -5.57 -4.67
N PHE D 235 11.95 -6.30 -3.68
CA PHE D 235 11.39 -7.64 -3.86
C PHE D 235 9.89 -7.60 -3.58
N MET D 236 9.10 -8.17 -4.48
CA MET D 236 7.67 -8.36 -4.27
C MET D 236 7.36 -9.83 -4.47
N GLY D 237 6.86 -10.48 -3.44
CA GLY D 237 6.61 -11.91 -3.53
C GLY D 237 5.56 -12.44 -2.57
N VAL D 238 5.70 -13.72 -2.24
CA VAL D 238 4.72 -14.49 -1.51
C VAL D 238 5.45 -15.26 -0.41
N CYS D 239 4.84 -15.32 0.79
CA CYS D 239 5.40 -16.13 1.86
C CYS D 239 4.28 -16.89 2.55
N GLN D 240 4.69 -17.79 3.46
CA GLN D 240 3.74 -18.62 4.21
C GLN D 240 4.40 -19.06 5.51
N LEU D 241 3.70 -18.88 6.62
CA LEU D 241 4.14 -19.45 7.88
C LEU D 241 4.11 -20.97 7.80
N PRO D 242 5.03 -21.65 8.49
CA PRO D 242 4.92 -23.10 8.63
C PRO D 242 3.90 -23.44 9.69
N SER D 243 3.21 -24.55 9.48
CA SER D 243 2.17 -24.98 10.39
C SER D 243 2.61 -26.24 11.14
N LYS D 244 1.91 -26.51 12.24
CA LYS D 244 2.23 -27.66 13.08
C LYS D 244 1.78 -28.96 12.39
N ASN D 245 2.11 -30.09 13.02
CA ASN D 245 1.72 -31.37 12.46
C ASN D 245 0.20 -31.49 12.36
N ASP D 246 -0.28 -31.89 11.18
CA ASP D 246 -1.68 -32.14 10.88
C ASP D 246 -2.59 -30.92 10.94
N GLU D 247 -2.04 -29.75 11.27
CA GLU D 247 -2.86 -28.55 11.29
C GLU D 247 -3.04 -28.04 9.87
N LYS D 248 -4.13 -27.32 9.64
CA LYS D 248 -4.34 -26.61 8.38
C LYS D 248 -3.13 -25.75 8.06
N GLU D 249 -2.77 -25.67 6.79
CA GLU D 249 -1.75 -24.70 6.46
C GLU D 249 -2.28 -23.29 6.62
N TYR D 250 -1.36 -22.36 6.83
CA TYR D 250 -1.71 -20.95 6.84
C TYR D 250 -1.95 -20.47 5.40
N PRO D 251 -2.74 -19.41 5.22
CA PRO D 251 -2.81 -18.79 3.90
C PRO D 251 -1.45 -18.28 3.44
N HIS D 252 -1.22 -18.29 2.14
CA HIS D 252 -0.07 -17.58 1.59
C HIS D 252 -0.31 -16.07 1.72
N ARG D 253 0.79 -15.32 1.88
CA ARG D 253 0.76 -13.89 2.19
C ARG D 253 1.68 -13.11 1.25
N ARG D 254 1.27 -11.89 0.92
CA ARG D 254 2.14 -11.02 0.15
C ARG D 254 3.25 -10.48 1.05
N ILE D 255 4.49 -10.46 0.54
CA ILE D 255 5.62 -9.87 1.24
C ILE D 255 6.35 -8.91 0.30
N ASP D 256 6.64 -7.71 0.80
CA ASP D 256 7.43 -6.72 0.09
C ASP D 256 8.68 -6.45 0.89
N ILE D 257 9.84 -6.47 0.24
CA ILE D 257 11.09 -6.14 0.90
C ILE D 257 11.74 -5.01 0.12
N ARG D 258 12.18 -3.98 0.83
CA ARG D 258 12.84 -2.83 0.21
C ARG D 258 14.21 -2.65 0.85
N LEU D 259 15.27 -2.82 0.07
CA LEU D 259 16.62 -2.52 0.51
C LEU D 259 16.87 -1.04 0.32
N ILE D 260 17.24 -0.33 1.39
CA ILE D 260 17.43 1.11 1.33
C ILE D 260 18.84 1.47 1.79
N PRO D 261 19.49 2.47 1.19
CA PRO D 261 20.81 2.88 1.67
C PRO D 261 20.80 3.15 3.18
N LYS D 262 21.82 2.58 3.86
CA LYS D 262 21.84 2.60 5.32
C LYS D 262 21.74 4.00 5.87
N ASP D 263 22.44 4.96 5.24
CA ASP D 263 22.44 6.33 5.74
C ASP D 263 21.13 7.04 5.47
N GLN D 264 20.22 6.45 4.69
CA GLN D 264 18.94 7.05 4.37
C GLN D 264 17.79 6.29 5.02
N TYR D 265 18.07 5.61 6.13
CA TYR D 265 17.08 4.78 6.82
C TYR D 265 15.85 5.57 7.24
N TYR D 266 16.03 6.79 7.76
CA TYR D 266 14.89 7.49 8.33
C TYR D 266 13.90 7.91 7.26
N CYS D 267 14.38 8.42 6.12
CA CYS D 267 13.46 8.69 5.02
C CYS D 267 12.81 7.41 4.52
N GLY D 268 13.56 6.31 4.52
CA GLY D 268 13.02 5.05 4.07
C GLY D 268 11.95 4.50 4.99
N VAL D 269 12.17 4.58 6.31
CA VAL D 269 11.18 4.05 7.24
C VAL D 269 9.98 4.97 7.34
N LEU D 270 10.15 6.27 7.10
CA LEU D 270 8.98 7.14 6.96
C LEU D 270 8.13 6.70 5.78
N TYR D 271 8.78 6.53 4.63
CA TYR D 271 8.11 6.07 3.41
C TYR D 271 7.38 4.76 3.62
N PHE D 272 8.11 3.74 4.11
CA PHE D 272 7.53 2.40 4.18
C PHE D 272 6.55 2.22 5.34
N THR D 273 6.52 3.14 6.32
CA THR D 273 5.50 3.03 7.36
C THR D 273 4.15 3.58 6.91
N GLY D 274 4.16 4.57 6.01
CA GLY D 274 2.93 5.12 5.49
C GLY D 274 2.03 5.79 6.51
N SER D 275 0.72 5.76 6.31
CA SER D 275 0.03 5.10 5.20
C SER D 275 0.33 5.72 3.84
N ASP D 276 -0.22 5.15 2.77
CA ASP D 276 -0.02 5.75 1.45
C ASP D 276 -0.65 7.15 1.40
N ILE D 277 -1.87 7.30 1.92
CA ILE D 277 -2.47 8.63 1.94
C ILE D 277 -1.71 9.56 2.86
N PHE D 278 -1.23 9.05 4.00
CA PHE D 278 -0.40 9.91 4.85
C PHE D 278 0.81 10.42 4.09
N ASN D 279 1.46 9.55 3.32
CA ASN D 279 2.62 9.96 2.54
C ASN D 279 2.26 11.02 1.51
N LYS D 280 1.13 10.84 0.83
CA LYS D 280 0.69 11.81 -0.16
C LYS D 280 0.45 13.17 0.48
N ASN D 281 -0.29 13.17 1.60
CA ASN D 281 -0.51 14.41 2.35
C ASN D 281 0.80 15.04 2.76
N MET D 282 1.71 14.23 3.31
CA MET D 282 2.95 14.77 3.85
C MET D 282 3.84 15.31 2.74
N ARG D 283 3.94 14.59 1.62
CA ARG D 283 4.77 15.08 0.53
C ARG D 283 4.16 16.33 -0.12
N ALA D 284 2.83 16.40 -0.22
CA ALA D 284 2.20 17.60 -0.76
C ALA D 284 2.48 18.82 0.12
N HIS D 285 2.32 18.65 1.45
CA HIS D 285 2.67 19.72 2.39
C HIS D 285 4.12 20.13 2.26
N ALA D 286 5.04 19.15 2.12
CA ALA D 286 6.45 19.47 1.92
C ALA D 286 6.65 20.39 0.71
N LEU D 287 5.95 20.11 -0.39
CA LEU D 287 6.06 20.98 -1.56
C LEU D 287 5.61 22.40 -1.23
N GLU D 288 4.44 22.53 -0.57
CA GLU D 288 3.97 23.85 -0.16
C GLU D 288 4.98 24.56 0.71
N MET D 289 5.77 23.82 1.49
CA MET D 289 6.79 24.42 2.34
C MET D 289 8.12 24.61 1.63
N GLY D 290 8.24 24.14 0.39
CA GLY D 290 9.49 24.31 -0.33
C GLY D 290 10.46 23.18 -0.16
N PHE D 291 9.98 21.96 0.01
CA PHE D 291 10.82 20.78 0.06
C PHE D 291 10.18 19.70 -0.81
N THR D 292 10.99 18.71 -1.19
CA THR D 292 10.42 17.50 -1.77
C THR D 292 10.97 16.29 -1.03
N ILE D 293 10.08 15.35 -0.71
CA ILE D 293 10.44 14.15 0.05
C ILE D 293 10.20 12.93 -0.82
N ASN D 294 11.22 12.09 -0.93
CA ASN D 294 11.03 10.73 -1.43
C ASN D 294 11.55 9.78 -0.34
N GLU D 295 11.70 8.49 -0.69
CA GLU D 295 12.08 7.49 0.30
C GLU D 295 13.55 7.58 0.68
N TYR D 296 14.32 8.43 0.00
CA TYR D 296 15.75 8.59 0.19
C TYR D 296 16.13 9.87 0.92
N THR D 297 15.52 11.00 0.55
CA THR D 297 15.99 12.31 0.97
C THR D 297 14.81 13.24 1.14
N ILE D 298 15.04 14.33 1.87
CA ILE D 298 14.26 15.55 1.76
C ILE D 298 15.18 16.64 1.23
N ARG D 299 14.76 17.32 0.17
CA ARG D 299 15.58 18.33 -0.45
C ARG D 299 14.77 19.59 -0.58
N PRO D 300 15.41 20.77 -0.51
CA PRO D 300 14.69 22.02 -0.76
C PRO D 300 14.46 22.22 -2.25
N LEU D 301 13.36 22.90 -2.57
CA LEU D 301 13.13 23.35 -3.94
C LEU D 301 13.70 24.76 -4.11
N GLY D 302 14.51 24.94 -5.14
CA GLY D 302 15.10 26.22 -5.44
C GLY D 302 14.10 27.19 -6.04
N VAL D 303 14.62 28.31 -6.54
CA VAL D 303 13.78 29.37 -7.09
C VAL D 303 12.92 28.85 -8.24
N THR D 304 13.47 27.97 -9.06
CA THR D 304 12.77 27.43 -10.21
C THR D 304 12.10 26.09 -9.93
N GLY D 305 11.92 25.74 -8.66
CA GLY D 305 11.34 24.46 -8.34
C GLY D 305 12.20 23.25 -8.70
N VAL D 306 13.52 23.43 -8.81
CA VAL D 306 14.44 22.33 -9.04
C VAL D 306 15.02 21.90 -7.71
N ALA D 307 15.07 20.58 -7.47
CA ALA D 307 15.49 20.06 -6.19
C ALA D 307 16.95 20.36 -5.90
N GLY D 308 17.25 20.71 -4.67
CA GLY D 308 18.58 20.98 -4.22
C GLY D 308 19.21 19.79 -3.51
N GLU D 309 20.25 20.09 -2.72
CA GLU D 309 21.06 19.08 -2.07
C GLU D 309 20.30 18.44 -0.90
N PRO D 310 20.52 17.15 -0.65
CA PRO D 310 19.89 16.49 0.51
C PRO D 310 20.23 17.19 1.83
N LEU D 311 19.20 17.37 2.67
CA LEU D 311 19.41 17.97 3.98
C LEU D 311 19.76 16.91 5.01
N PRO D 312 20.45 17.26 6.08
CA PRO D 312 20.79 16.24 7.09
C PRO D 312 19.55 15.75 7.82
N VAL D 313 19.47 14.42 8.00
CA VAL D 313 18.36 13.78 8.68
C VAL D 313 18.92 12.76 9.65
N ASP D 314 18.50 12.83 10.92
CA ASP D 314 18.96 11.87 11.90
C ASP D 314 17.82 11.26 12.71
N SER D 315 16.58 11.42 12.24
CA SER D 315 15.42 10.81 12.87
C SER D 315 14.23 11.10 11.97
N GLU D 316 13.14 10.36 12.19
CA GLU D 316 11.92 10.69 11.47
C GLU D 316 11.46 12.10 11.81
N LYS D 317 11.58 12.48 13.09
CA LYS D 317 11.12 13.79 13.52
C LYS D 317 11.85 14.92 12.79
N ASP D 318 13.13 14.72 12.48
CA ASP D 318 13.86 15.73 11.70
C ASP D 318 13.09 16.09 10.43
N ILE D 319 12.46 15.11 9.79
CA ILE D 319 11.74 15.37 8.55
C ILE D 319 10.48 16.19 8.82
N PHE D 320 9.73 15.81 9.86
CA PHE D 320 8.57 16.59 10.26
C PHE D 320 8.97 18.04 10.60
N ASP D 321 10.09 18.22 11.31
CA ASP D 321 10.57 19.55 11.69
C ASP D 321 10.78 20.43 10.46
N TYR D 322 11.45 19.89 9.43
CA TYR D 322 11.74 20.65 8.21
C TYR D 322 10.50 21.26 7.60
N ILE D 323 9.41 20.51 7.54
CA ILE D 323 8.16 20.99 6.94
C ILE D 323 7.24 21.61 7.98
N GLN D 324 7.71 21.75 9.23
CA GLN D 324 6.98 22.38 10.33
C GLN D 324 5.63 21.70 10.60
N TRP D 325 5.73 20.41 10.82
CA TRP D 325 4.64 19.56 11.29
C TRP D 325 5.01 19.02 12.66
N LYS D 326 4.05 18.94 13.57
CA LYS D 326 4.31 18.23 14.82
C LYS D 326 4.58 16.77 14.51
N TYR D 327 5.49 16.17 15.27
CA TYR D 327 5.80 14.76 15.10
C TYR D 327 4.56 13.92 15.33
N ARG D 328 4.31 12.98 14.44
CA ARG D 328 3.22 12.03 14.62
C ARG D 328 3.83 10.63 14.72
N GLU D 329 3.54 9.95 15.83
CA GLU D 329 3.93 8.55 15.98
C GLU D 329 3.32 7.74 14.85
N PRO D 330 3.94 6.60 14.51
CA PRO D 330 3.37 5.77 13.43
C PRO D 330 1.90 5.46 13.64
N LYS D 331 1.50 5.19 14.88
CA LYS D 331 0.12 4.82 15.12
C LYS D 331 -0.84 5.95 14.80
N ASP D 332 -0.35 7.17 14.56
CA ASP D 332 -1.20 8.30 14.20
C ASP D 332 -1.07 8.66 12.72
N ARG D 333 -0.51 7.76 11.91
CA ARG D 333 -0.33 7.98 10.48
C ARG D 333 -1.25 7.09 9.64
N SER D 334 -2.30 6.53 10.25
CA SER D 334 -3.18 5.59 9.56
C SER D 334 -4.30 6.37 8.85
N GLU D 335 -3.90 7.13 7.84
CA GLU D 335 -4.86 7.91 7.07
C GLU D 335 -5.33 7.15 5.82
NA NA E . -4.83 -5.74 -9.43
NA NA F . -14.54 20.97 2.12
MG MG G . 1.41 -3.51 3.95
NA NA H . 3.02 -4.14 0.97
C2 GGH I . 3.78 6.62 -1.40
C4 GGH I . 3.24 4.48 -0.67
C5 GGH I . 2.29 4.38 -1.63
C6 GGH I . 2.11 5.47 -2.52
P1 GGH I . 1.14 -1.21 1.55
P2 GGH I . 0.06 -0.65 4.26
O6 GGH I . 1.14 5.38 -3.52
O1A GGH I . 1.49 -2.55 2.08
O2A GGH I . 0.27 -1.30 0.36
O3A GGH I . 0.39 -0.25 2.67
O5' GGH I . 2.50 -0.34 1.24
O1B GGH I . 0.16 0.68 5.00
O2B GGH I . 1.00 -1.66 4.83
C3B GGH I . -1.71 -1.23 4.32
P3 GGH I . -1.81 -3.06 4.40
O1G GGH I . -0.61 -3.62 3.68
O2G GGH I . -3.07 -3.55 3.71
O3G GGH I . -1.83 -3.51 5.80
C5' GGH I . 3.43 -0.24 2.30
C4' GGH I . 3.92 1.21 2.38
O4' GGH I . 4.37 1.60 1.25
C1' GGH I . 4.04 3.10 1.13
N9 GGH I . 3.23 3.33 0.04
N3 GGH I . 3.95 5.62 -0.59
N2 GGH I . 4.61 7.77 -1.24
N1 GGH I . 2.86 6.56 -2.37
N7 GGH I . 1.72 3.17 -1.50
C8 GGH I . 2.30 2.56 -0.48
C2' GGH I . 3.28 3.40 2.44
C3' GGH I . 2.72 2.26 2.75
O3' GGH I . 2.30 2.13 4.14
#